data_1JU3
#
_entry.id   1JU3
#
_cell.length_a   106.08
_cell.length_b   106.08
_cell.length_c   221.52
_cell.angle_alpha   90
_cell.angle_beta   90
_cell.angle_gamma   120
#
_symmetry.space_group_name_H-M   'P 65 2 2'
#
loop_
_entity.id
_entity.type
_entity.pdbx_description
1 polymer 'cocaine esterase'
2 non-polymer 'PHENYL BORONIC ACID'
3 water water
#
_entity_poly.entity_id   1
_entity_poly.type   'polypeptide(L)'
_entity_poly.pdbx_seq_one_letter_code
;MVDGNYSVASNVMVPMRDGVRLAVDLYRPDADGPVPVLLVRNPYDKFDVFAWSTQSTNWLEFVRDGYAVVIQDTRGLFAS
EGEFVPHVDDEADAEDTLSWILEQAWCDGNVGMFGVSYLGVTQWQAAVSGVGGLKAIAPSMASADLYRAPWYGPGGALSV
EALLGWSALIGTGLITSRSDARPEDAADFVQLAAILNDVAGAASVTPLAEQPLLGRLIPWVIDQVVDHPDNDESWQSISL
FERLGGLATPALITAGWYDGFVGESLRTFVAVKDNADARLVVGPWSHSNLTGRNADRKFGIAATYPIQEATTMHKAFFDR
HLRGETDALAGVPKVRLFVMGIDEWRDETDWPLPDTAYTPFYLGGSGAANTSTGGGTLSTSISGTESADTYLYDPADPVP
SLGGTLLFHNGDNGPADQRPIHDRDDVLCYSTEVLTDPVEVTGTVSARLFVSSSAVDTDFTAKLVDVFPDGRAIALCDGI
VRMRYRETLVNPTLIEAGEIYEVAIDMLATSNVFLPGHRIMVQVSSSNFPKYDRNSNTGGVIAREQLEEMCTAVNRIHRG
PEHPSHIVLPIIKRPLEHHHHHH
;
_entity_poly.pdbx_strand_id   A
#
# COMPACT_ATOMS: atom_id res chain seq x y z
N ASN A 5 -30.94 0.75 21.06
CA ASN A 5 -31.57 -0.43 20.43
C ASN A 5 -31.63 -0.29 18.91
N TYR A 6 -31.57 -1.42 18.21
CA TYR A 6 -31.61 -1.43 16.75
C TYR A 6 -32.15 -2.72 16.13
N SER A 7 -32.35 -2.68 14.81
CA SER A 7 -32.84 -3.83 14.05
C SER A 7 -31.94 -4.04 12.83
N VAL A 8 -31.92 -5.28 12.33
CA VAL A 8 -31.11 -5.65 11.17
C VAL A 8 -31.96 -6.36 10.12
N ALA A 9 -31.96 -5.80 8.91
CA ALA A 9 -32.69 -6.35 7.78
C ALA A 9 -31.69 -6.92 6.80
N SER A 10 -31.83 -8.21 6.48
CA SER A 10 -30.92 -8.92 5.58
C SER A 10 -31.42 -9.02 4.14
N ASN A 11 -30.47 -8.96 3.21
CA ASN A 11 -30.68 -9.07 1.76
C ASN A 11 -31.70 -8.15 1.09
N VAL A 12 -31.60 -6.86 1.39
CA VAL A 12 -32.47 -5.85 0.78
C VAL A 12 -31.81 -5.58 -0.57
N MET A 13 -32.56 -5.83 -1.64
CA MET A 13 -32.05 -5.67 -3.00
C MET A 13 -32.19 -4.25 -3.54
N VAL A 14 -31.02 -3.68 -3.88
CA VAL A 14 -30.89 -2.32 -4.40
C VAL A 14 -30.61 -2.31 -5.90
N PRO A 15 -31.53 -1.76 -6.72
CA PRO A 15 -31.31 -1.74 -8.17
C PRO A 15 -30.32 -0.67 -8.68
N MET A 16 -29.41 -1.10 -9.56
CA MET A 16 -28.42 -0.22 -10.18
C MET A 16 -29.03 0.30 -11.48
N ARG A 17 -28.32 1.23 -12.14
CA ARG A 17 -28.78 1.84 -13.39
C ARG A 17 -29.05 0.87 -14.56
N ASP A 18 -28.36 -0.26 -14.55
CA ASP A 18 -28.51 -1.28 -15.60
C ASP A 18 -29.51 -2.39 -15.25
N GLY A 19 -30.18 -2.24 -14.10
CA GLY A 19 -31.17 -3.21 -13.66
C GLY A 19 -30.68 -4.29 -12.73
N VAL A 20 -29.36 -4.43 -12.62
CA VAL A 20 -28.71 -5.41 -11.74
C VAL A 20 -28.93 -5.00 -10.29
N ARG A 21 -29.35 -5.95 -9.46
CA ARG A 21 -29.61 -5.67 -8.05
C ARG A 21 -28.51 -6.13 -7.10
N LEU A 22 -28.05 -5.20 -6.27
CA LEU A 22 -27.01 -5.48 -5.28
C LEU A 22 -27.66 -5.68 -3.91
N ALA A 23 -27.19 -6.67 -3.18
CA ALA A 23 -27.72 -6.99 -1.86
C ALA A 23 -27.05 -6.20 -0.73
N VAL A 24 -27.88 -5.64 0.14
CA VAL A 24 -27.41 -4.88 1.29
C VAL A 24 -28.04 -5.37 2.60
N ASP A 25 -27.34 -5.12 3.70
CA ASP A 25 -27.82 -5.43 5.04
C ASP A 25 -28.00 -4.08 5.73
N LEU A 26 -29.16 -3.86 6.33
CA LEU A 26 -29.47 -2.58 6.99
C LEU A 26 -29.49 -2.67 8.51
N TYR A 27 -28.58 -1.96 9.16
CA TYR A 27 -28.49 -1.90 10.62
C TYR A 27 -29.08 -0.53 10.97
N ARG A 28 -30.36 -0.52 11.33
CA ARG A 28 -31.07 0.73 11.61
C ARG A 28 -31.49 0.93 13.07
N PRO A 29 -31.22 2.12 13.65
CA PRO A 29 -31.59 2.40 15.05
C PRO A 29 -33.08 2.60 15.27
N ASP A 30 -33.56 2.23 16.46
CA ASP A 30 -34.97 2.38 16.83
C ASP A 30 -35.18 3.85 17.20
N ALA A 31 -35.39 4.67 16.16
CA ALA A 31 -35.58 6.11 16.31
C ALA A 31 -36.94 6.61 15.84
N ASP A 32 -37.24 7.85 16.23
CA ASP A 32 -38.49 8.54 15.90
C ASP A 32 -38.62 8.92 14.42
N GLY A 33 -37.54 9.44 13.84
CA GLY A 33 -37.55 9.85 12.45
C GLY A 33 -36.31 9.41 11.68
N PRO A 34 -35.90 10.15 10.63
CA PRO A 34 -34.73 9.80 9.82
C PRO A 34 -33.40 10.03 10.54
N VAL A 35 -32.40 9.22 10.17
CA VAL A 35 -31.08 9.24 10.81
C VAL A 35 -29.90 9.32 9.81
N PRO A 36 -28.70 9.75 10.28
CA PRO A 36 -27.55 9.79 9.34
C PRO A 36 -27.13 8.34 9.05
N VAL A 37 -26.63 8.11 7.84
CA VAL A 37 -26.27 6.75 7.39
C VAL A 37 -24.80 6.59 7.00
N LEU A 38 -24.27 5.39 7.27
CA LEU A 38 -22.90 5.04 6.93
C LEU A 38 -22.92 3.83 5.99
N LEU A 39 -22.18 3.91 4.89
CA LEU A 39 -22.13 2.83 3.90
C LEU A 39 -20.77 2.14 3.80
N VAL A 40 -20.80 0.82 3.71
CA VAL A 40 -19.60 -0.03 3.56
C VAL A 40 -19.83 -0.93 2.35
N ARG A 41 -18.89 -0.91 1.39
CA ARG A 41 -18.98 -1.74 0.18
C ARG A 41 -17.93 -2.84 0.32
N ASN A 42 -18.41 -4.07 0.44
CA ASN A 42 -17.60 -5.25 0.71
C ASN A 42 -17.63 -6.40 -0.30
N PRO A 43 -16.44 -6.88 -0.77
CA PRO A 43 -16.37 -7.99 -1.73
C PRO A 43 -16.09 -9.35 -1.04
N TYR A 44 -16.07 -9.34 0.28
CA TYR A 44 -15.77 -10.54 1.09
C TYR A 44 -16.93 -10.99 1.97
N ASP A 45 -18.16 -10.85 1.45
CA ASP A 45 -19.43 -11.21 2.12
C ASP A 45 -19.83 -10.22 3.21
N LYS A 46 -20.92 -9.51 2.95
CA LYS A 46 -21.47 -8.52 3.89
C LYS A 46 -21.89 -9.17 5.23
N PHE A 47 -22.23 -10.46 5.18
CA PHE A 47 -22.64 -11.21 6.37
C PHE A 47 -21.46 -11.43 7.32
N ASP A 48 -20.27 -11.56 6.73
CA ASP A 48 -19.04 -11.80 7.48
C ASP A 48 -18.44 -10.48 7.98
N VAL A 49 -19.07 -9.93 9.02
CA VAL A 49 -18.64 -8.68 9.61
C VAL A 49 -17.38 -8.77 10.46
N PHE A 50 -17.16 -9.92 11.10
CA PHE A 50 -16.00 -10.12 11.97
C PHE A 50 -14.64 -10.18 11.25
N ALA A 51 -14.65 -10.59 9.99
CA ALA A 51 -13.43 -10.71 9.17
C ALA A 51 -12.65 -9.41 8.92
N TRP A 52 -13.38 -8.30 8.75
CA TRP A 52 -12.76 -7.01 8.48
C TRP A 52 -12.85 -5.99 9.61
N SER A 53 -13.93 -6.08 10.39
CA SER A 53 -14.20 -5.12 11.48
C SER A 53 -13.13 -4.93 12.53
N THR A 54 -12.36 -5.98 12.82
CA THR A 54 -11.29 -5.92 13.80
C THR A 54 -10.12 -5.05 13.32
N GLN A 55 -10.11 -4.76 12.01
CA GLN A 55 -9.09 -3.91 11.40
C GLN A 55 -9.67 -2.53 11.11
N SER A 56 -10.84 -2.24 11.69
CA SER A 56 -11.53 -0.97 11.46
C SER A 56 -12.03 -0.25 12.72
N THR A 57 -13.27 -0.54 13.11
CA THR A 57 -13.92 0.13 14.24
C THR A 57 -14.93 -0.79 14.91
N ASN A 58 -15.32 -0.45 16.15
CA ASN A 58 -16.36 -1.17 16.88
C ASN A 58 -17.62 -0.41 16.47
N TRP A 59 -17.93 -0.52 15.17
CA TRP A 59 -19.02 0.20 14.54
C TRP A 59 -20.45 0.01 14.99
N LEU A 60 -20.69 -1.02 15.80
CA LEU A 60 -22.05 -1.23 16.33
C LEU A 60 -22.36 -0.12 17.33
N GLU A 61 -21.31 0.57 17.78
CA GLU A 61 -21.42 1.71 18.70
C GLU A 61 -22.06 2.87 17.94
N PHE A 62 -21.80 2.97 16.62
CA PHE A 62 -22.38 4.01 15.78
C PHE A 62 -23.88 3.83 15.69
N VAL A 63 -24.30 2.56 15.58
CA VAL A 63 -25.72 2.20 15.48
C VAL A 63 -26.45 2.41 16.80
N ARG A 64 -25.76 2.13 17.91
CA ARG A 64 -26.31 2.32 19.26
C ARG A 64 -26.43 3.81 19.57
N ASP A 65 -25.61 4.62 18.88
CA ASP A 65 -25.60 6.07 19.05
C ASP A 65 -26.49 6.82 18.06
N GLY A 66 -27.22 6.09 17.23
CA GLY A 66 -28.13 6.71 16.28
C GLY A 66 -27.83 6.75 14.81
N TYR A 67 -26.80 6.05 14.35
CA TYR A 67 -26.47 6.01 12.92
C TYR A 67 -26.97 4.73 12.31
N ALA A 68 -27.32 4.79 11.02
CA ALA A 68 -27.73 3.58 10.30
C ALA A 68 -26.49 3.13 9.55
N VAL A 69 -26.25 1.82 9.51
CA VAL A 69 -25.10 1.28 8.78
C VAL A 69 -25.63 0.33 7.72
N VAL A 70 -25.16 0.55 6.49
CA VAL A 70 -25.51 -0.26 5.34
C VAL A 70 -24.25 -0.98 4.84
N ILE A 71 -24.28 -2.31 4.81
CA ILE A 71 -23.15 -3.09 4.29
C ILE A 71 -23.65 -3.79 3.04
N GLN A 72 -22.92 -3.58 1.96
CA GLN A 72 -23.27 -4.11 0.64
C GLN A 72 -22.29 -5.11 0.05
N ASP A 73 -22.83 -6.12 -0.62
CA ASP A 73 -22.04 -7.12 -1.34
C ASP A 73 -21.80 -6.44 -2.68
N THR A 74 -20.54 -6.35 -3.11
CA THR A 74 -20.23 -5.72 -4.39
C THR A 74 -20.77 -6.58 -5.54
N ARG A 75 -20.93 -5.97 -6.72
CA ARG A 75 -21.45 -6.65 -7.91
C ARG A 75 -20.82 -8.00 -8.24
N GLY A 76 -21.69 -9.00 -8.42
CA GLY A 76 -21.27 -10.35 -8.77
C GLY A 76 -20.76 -11.27 -7.68
N LEU A 77 -20.78 -10.80 -6.44
CA LEU A 77 -20.32 -11.59 -5.31
C LEU A 77 -21.40 -11.83 -4.28
N PHE A 78 -21.41 -13.04 -3.74
CA PHE A 78 -22.34 -13.49 -2.72
C PHE A 78 -23.84 -13.29 -3.02
N ALA A 79 -24.54 -12.46 -2.26
CA ALA A 79 -25.97 -12.25 -2.50
C ALA A 79 -26.32 -11.27 -3.63
N SER A 80 -25.30 -10.62 -4.19
CA SER A 80 -25.50 -9.67 -5.29
C SER A 80 -25.54 -10.33 -6.67
N GLU A 81 -26.31 -9.72 -7.57
CA GLU A 81 -26.45 -10.18 -8.96
C GLU A 81 -25.31 -9.55 -9.78
N GLY A 82 -25.26 -9.90 -11.06
CA GLY A 82 -24.24 -9.35 -11.96
C GLY A 82 -22.96 -10.16 -12.03
N GLU A 83 -21.96 -9.59 -12.69
CA GLU A 83 -20.66 -10.22 -12.87
C GLU A 83 -19.57 -9.42 -12.15
N PHE A 84 -18.67 -10.13 -11.46
CA PHE A 84 -17.57 -9.48 -10.73
C PHE A 84 -16.30 -9.32 -11.56
N VAL A 85 -15.82 -8.08 -11.58
CA VAL A 85 -14.57 -7.67 -12.22
C VAL A 85 -14.12 -6.55 -11.26
N PRO A 86 -12.91 -6.67 -10.67
CA PRO A 86 -12.43 -5.65 -9.74
C PRO A 86 -12.37 -4.23 -10.29
N HIS A 87 -12.72 -3.28 -9.42
CA HIS A 87 -12.68 -1.82 -9.66
C HIS A 87 -13.60 -1.13 -10.68
N VAL A 88 -13.74 -1.72 -11.87
CA VAL A 88 -14.50 -1.13 -12.98
C VAL A 88 -15.97 -0.71 -12.81
N ASP A 89 -16.68 -1.35 -11.88
CA ASP A 89 -18.09 -1.05 -11.65
C ASP A 89 -18.37 -0.31 -10.35
N ASP A 90 -17.35 -0.15 -9.52
CA ASP A 90 -17.52 0.49 -8.21
C ASP A 90 -17.89 1.96 -8.15
N GLU A 91 -17.49 2.77 -9.15
CA GLU A 91 -17.82 4.20 -9.19
C GLU A 91 -19.32 4.38 -9.40
N ALA A 92 -19.84 3.69 -10.42
CA ALA A 92 -21.25 3.73 -10.80
C ALA A 92 -22.14 3.07 -9.76
N ASP A 93 -21.72 1.90 -9.26
CA ASP A 93 -22.48 1.16 -8.25
C ASP A 93 -22.58 1.89 -6.92
N ALA A 94 -21.53 2.63 -6.59
CA ALA A 94 -21.50 3.42 -5.35
C ALA A 94 -22.44 4.61 -5.47
N GLU A 95 -22.41 5.27 -6.63
CA GLU A 95 -23.27 6.43 -6.91
C GLU A 95 -24.75 6.04 -6.83
N ASP A 96 -25.10 4.91 -7.43
CA ASP A 96 -26.48 4.39 -7.43
C ASP A 96 -26.94 3.94 -6.05
N THR A 97 -26.01 3.40 -5.25
CA THR A 97 -26.32 2.95 -3.88
C THR A 97 -26.52 4.15 -2.97
N LEU A 98 -25.66 5.17 -3.12
CA LEU A 98 -25.75 6.41 -2.32
C LEU A 98 -27.07 7.13 -2.64
N SER A 99 -27.45 7.12 -3.91
CA SER A 99 -28.70 7.74 -4.38
C SER A 99 -29.91 7.04 -3.79
N TRP A 100 -29.84 5.70 -3.72
CA TRP A 100 -30.92 4.88 -3.15
C TRP A 100 -31.06 5.16 -1.66
N ILE A 101 -29.92 5.21 -0.95
CA ILE A 101 -29.92 5.47 0.50
C ILE A 101 -30.60 6.81 0.80
N LEU A 102 -30.25 7.83 0.01
CA LEU A 102 -30.81 9.19 0.16
C LEU A 102 -32.32 9.26 -0.08
N GLU A 103 -32.84 8.33 -0.88
CA GLU A 103 -34.27 8.26 -1.19
C GLU A 103 -35.11 7.59 -0.10
N GLN A 104 -34.45 6.83 0.78
CA GLN A 104 -35.14 6.11 1.85
C GLN A 104 -35.71 6.94 2.98
N ALA A 105 -36.80 6.42 3.56
CA ALA A 105 -37.53 7.04 4.66
C ALA A 105 -36.73 7.25 5.94
N TRP A 106 -35.75 6.36 6.15
CA TRP A 106 -34.89 6.37 7.33
C TRP A 106 -33.59 7.17 7.22
N CYS A 107 -33.35 7.78 6.06
CA CYS A 107 -32.14 8.58 5.83
C CYS A 107 -32.45 10.09 5.89
N ASP A 108 -31.66 10.83 6.68
CA ASP A 108 -31.87 12.28 6.82
C ASP A 108 -31.15 13.19 5.82
N GLY A 109 -30.52 12.58 4.80
CA GLY A 109 -29.81 13.35 3.79
C GLY A 109 -28.31 13.45 4.04
N ASN A 110 -27.83 12.78 5.09
CA ASN A 110 -26.41 12.80 5.43
C ASN A 110 -25.86 11.38 5.40
N VAL A 111 -24.94 11.14 4.47
CA VAL A 111 -24.32 9.82 4.30
C VAL A 111 -22.80 9.91 4.46
N GLY A 112 -22.25 8.89 5.09
CA GLY A 112 -20.82 8.78 5.31
C GLY A 112 -20.37 7.38 4.96
N MET A 113 -19.06 7.15 4.95
CA MET A 113 -18.50 5.83 4.63
C MET A 113 -17.27 5.56 5.50
N PHE A 114 -17.01 4.28 5.74
CA PHE A 114 -15.83 3.84 6.51
C PHE A 114 -15.45 2.43 6.06
N GLY A 115 -14.24 2.01 6.39
CA GLY A 115 -13.80 0.68 6.00
C GLY A 115 -12.34 0.63 5.65
N VAL A 116 -11.82 -0.60 5.58
CA VAL A 116 -10.42 -0.86 5.34
C VAL A 116 -10.12 -1.63 4.04
N SER A 117 -8.98 -1.31 3.44
CA SER A 117 -8.47 -1.95 2.22
C SER A 117 -9.36 -1.74 0.99
N TYR A 118 -9.97 -2.81 0.45
CA TYR A 118 -10.87 -2.69 -0.70
C TYR A 118 -12.10 -1.87 -0.28
N LEU A 119 -12.45 -1.98 1.01
CA LEU A 119 -13.58 -1.24 1.60
C LEU A 119 -13.20 0.22 1.81
N GLY A 120 -11.92 0.52 1.55
CA GLY A 120 -11.40 1.87 1.64
C GLY A 120 -11.29 2.44 0.25
N VAL A 121 -10.83 1.63 -0.72
CA VAL A 121 -10.69 2.04 -2.12
C VAL A 121 -12.05 2.45 -2.70
N THR A 122 -13.09 1.68 -2.34
CA THR A 122 -14.45 1.93 -2.79
C THR A 122 -15.05 3.24 -2.32
N GLN A 123 -14.45 3.81 -1.26
CA GLN A 123 -14.88 5.11 -0.72
C GLN A 123 -14.38 6.24 -1.61
N TRP A 124 -13.17 6.11 -2.14
CA TRP A 124 -12.63 7.11 -3.06
C TRP A 124 -13.40 7.08 -4.37
N GLN A 125 -13.87 5.88 -4.73
CA GLN A 125 -14.66 5.67 -5.94
C GLN A 125 -16.05 6.27 -5.79
N ALA A 126 -16.51 6.34 -4.54
CA ALA A 126 -17.82 6.92 -4.22
C ALA A 126 -17.73 8.44 -4.11
N ALA A 127 -16.58 8.91 -3.62
CA ALA A 127 -16.33 10.35 -3.41
C ALA A 127 -16.28 11.20 -4.68
N VAL A 128 -15.81 10.60 -5.79
CA VAL A 128 -15.68 11.29 -7.08
C VAL A 128 -16.99 11.42 -7.87
N SER A 129 -18.07 10.83 -7.37
CA SER A 129 -19.38 10.86 -8.02
C SER A 129 -20.08 12.22 -7.99
N GLY A 130 -19.74 13.02 -6.98
CA GLY A 130 -20.34 14.35 -6.84
C GLY A 130 -21.71 14.36 -6.18
N VAL A 131 -22.01 13.29 -5.45
CA VAL A 131 -23.29 13.15 -4.74
C VAL A 131 -23.21 14.06 -3.49
N GLY A 132 -24.11 15.06 -3.46
CA GLY A 132 -24.17 16.02 -2.36
C GLY A 132 -24.42 15.44 -0.98
N GLY A 133 -25.18 14.33 -0.95
CA GLY A 133 -25.51 13.66 0.31
C GLY A 133 -24.34 13.01 1.03
N LEU A 134 -23.26 12.72 0.30
CA LEU A 134 -22.06 12.12 0.88
C LEU A 134 -21.24 13.24 1.53
N LYS A 135 -21.31 13.30 2.87
CA LYS A 135 -20.67 14.33 3.67
C LYS A 135 -19.27 14.05 4.18
N ALA A 136 -18.90 12.77 4.29
CA ALA A 136 -17.57 12.40 4.79
C ALA A 136 -17.23 10.95 4.50
N ILE A 137 -15.94 10.68 4.33
CA ILE A 137 -15.47 9.31 4.11
C ILE A 137 -14.34 9.03 5.09
N ALA A 138 -14.05 7.75 5.33
CA ALA A 138 -12.98 7.36 6.23
C ALA A 138 -12.24 6.14 5.67
N PRO A 139 -11.40 6.35 4.64
CA PRO A 139 -10.65 5.24 4.03
C PRO A 139 -9.38 4.82 4.77
N SER A 140 -9.34 3.56 5.17
CA SER A 140 -8.21 3.00 5.88
C SER A 140 -7.43 2.06 4.99
N MET A 141 -6.09 2.19 5.04
CA MET A 141 -5.12 1.37 4.28
C MET A 141 -5.58 1.23 2.82
N ALA A 142 -5.89 2.38 2.23
CA ALA A 142 -6.42 2.48 0.89
C ALA A 142 -5.58 3.26 -0.10
N SER A 143 -6.06 3.29 -1.34
CA SER A 143 -5.41 3.96 -2.45
C SER A 143 -6.45 4.56 -3.39
N ALA A 144 -6.06 5.65 -4.05
CA ALA A 144 -6.91 6.32 -5.04
C ALA A 144 -6.30 6.18 -6.43
N ASP A 145 -5.22 5.40 -6.53
CA ASP A 145 -4.54 5.14 -7.79
C ASP A 145 -4.14 3.67 -7.71
N LEU A 146 -4.92 2.82 -8.37
CA LEU A 146 -4.72 1.38 -8.36
C LEU A 146 -3.42 0.85 -8.97
N TYR A 147 -2.85 1.61 -9.89
CA TYR A 147 -1.57 1.23 -10.50
C TYR A 147 -0.48 1.44 -9.44
N ARG A 148 -0.47 2.63 -8.83
CA ARG A 148 0.54 2.95 -7.83
C ARG A 148 0.48 2.11 -6.54
N ALA A 149 -0.71 1.63 -6.19
CA ALA A 149 -0.95 0.72 -5.06
C ALA A 149 -2.34 0.13 -5.25
N PRO A 150 -2.48 -1.20 -5.10
CA PRO A 150 -1.47 -2.21 -4.78
C PRO A 150 -0.87 -3.05 -5.90
N TRP A 151 -1.32 -2.82 -7.14
CA TRP A 151 -0.87 -3.65 -8.26
C TRP A 151 0.53 -3.48 -8.82
N TYR A 152 0.94 -2.24 -9.03
CA TYR A 152 2.28 -1.98 -9.52
C TYR A 152 2.95 -1.09 -8.48
N GLY A 153 3.38 0.11 -8.88
CA GLY A 153 4.01 1.02 -7.94
C GLY A 153 4.58 2.24 -8.63
N PRO A 154 5.06 3.23 -7.86
CA PRO A 154 5.64 4.46 -8.44
C PRO A 154 6.91 4.21 -9.27
N GLY A 155 7.50 3.03 -9.09
CA GLY A 155 8.70 2.64 -9.82
C GLY A 155 8.45 1.83 -11.08
N GLY A 156 7.20 1.40 -11.27
CA GLY A 156 6.83 0.64 -12.46
C GLY A 156 7.10 -0.85 -12.49
N ALA A 157 7.18 -1.47 -11.32
CA ALA A 157 7.39 -2.92 -11.25
C ALA A 157 6.10 -3.54 -10.74
N LEU A 158 5.76 -4.73 -11.25
CA LEU A 158 4.56 -5.44 -10.83
C LEU A 158 4.69 -5.99 -9.41
N SER A 159 3.70 -5.69 -8.57
CA SER A 159 3.68 -6.21 -7.19
C SER A 159 3.03 -7.59 -7.34
N VAL A 160 3.82 -8.53 -7.86
CA VAL A 160 3.36 -9.88 -8.16
C VAL A 160 2.77 -10.67 -6.99
N GLU A 161 3.34 -10.55 -5.79
CA GLU A 161 2.79 -11.26 -4.64
C GLU A 161 1.42 -10.74 -4.24
N ALA A 162 1.23 -9.42 -4.40
CA ALA A 162 -0.04 -8.77 -4.09
C ALA A 162 -1.11 -9.27 -5.05
N LEU A 163 -0.74 -9.34 -6.33
CA LEU A 163 -1.65 -9.79 -7.38
C LEU A 163 -2.09 -11.24 -7.24
N LEU A 164 -1.13 -12.15 -7.13
CA LEU A 164 -1.43 -13.56 -7.03
C LEU A 164 -2.11 -13.95 -5.72
N GLY A 165 -1.70 -13.29 -4.64
CA GLY A 165 -2.27 -13.56 -3.32
C GLY A 165 -3.71 -13.12 -3.22
N TRP A 166 -4.01 -11.90 -3.67
CA TRP A 166 -5.37 -11.37 -3.61
C TRP A 166 -6.30 -12.10 -4.58
N SER A 167 -5.79 -12.43 -5.76
CA SER A 167 -6.57 -13.14 -6.78
C SER A 167 -6.96 -14.53 -6.27
N ALA A 168 -6.07 -15.14 -5.49
CA ALA A 168 -6.31 -16.45 -4.90
C ALA A 168 -7.34 -16.36 -3.76
N LEU A 169 -7.34 -15.23 -3.05
CA LEU A 169 -8.27 -14.99 -1.95
C LEU A 169 -9.68 -14.77 -2.52
N ILE A 170 -9.76 -14.00 -3.61
CA ILE A 170 -11.01 -13.70 -4.29
C ILE A 170 -11.53 -14.94 -5.01
N GLY A 171 -10.59 -15.76 -5.49
CA GLY A 171 -10.93 -17.00 -6.19
C GLY A 171 -11.63 -17.96 -5.24
N THR A 172 -11.22 -17.94 -3.97
CA THR A 172 -11.81 -18.77 -2.91
C THR A 172 -13.22 -18.27 -2.61
N GLY A 173 -13.40 -16.95 -2.71
CA GLY A 173 -14.69 -16.30 -2.47
C GLY A 173 -15.67 -16.43 -3.64
N LEU A 174 -15.16 -16.45 -4.86
CA LEU A 174 -15.97 -16.58 -6.09
C LEU A 174 -16.57 -17.97 -6.25
N ILE A 175 -15.85 -18.98 -5.73
CA ILE A 175 -16.26 -20.37 -5.80
C ILE A 175 -17.37 -20.72 -4.78
N THR A 176 -17.22 -20.26 -3.55
CA THR A 176 -18.19 -20.53 -2.48
C THR A 176 -19.46 -19.66 -2.57
N SER A 177 -19.67 -19.00 -3.70
CA SER A 177 -20.81 -18.12 -3.91
C SER A 177 -21.50 -18.17 -5.27
N ARG A 178 -21.00 -19.02 -6.18
CA ARG A 178 -21.58 -19.12 -7.52
C ARG A 178 -22.78 -20.06 -7.68
N SER A 179 -23.28 -20.16 -8.92
CA SER A 179 -24.42 -21.01 -9.28
C SER A 179 -24.09 -22.50 -9.24
N ASP A 180 -24.56 -23.17 -8.19
CA ASP A 180 -24.40 -24.61 -7.91
C ASP A 180 -22.95 -25.10 -7.69
N ALA A 181 -22.82 -26.16 -6.88
CA ALA A 181 -21.53 -26.77 -6.57
C ALA A 181 -21.01 -27.62 -7.73
N ARG A 182 -19.91 -27.17 -8.33
CA ARG A 182 -19.27 -27.82 -9.47
C ARG A 182 -18.25 -28.90 -9.04
N PRO A 183 -18.07 -29.97 -9.84
CA PRO A 183 -17.11 -31.05 -9.51
C PRO A 183 -15.64 -30.65 -9.39
N GLU A 184 -15.25 -29.58 -10.08
CA GLU A 184 -13.88 -29.07 -10.07
C GLU A 184 -13.55 -28.13 -8.91
N ASP A 185 -14.58 -27.75 -8.14
CA ASP A 185 -14.45 -26.83 -6.99
C ASP A 185 -13.51 -27.30 -5.89
N ALA A 186 -13.57 -28.61 -5.58
CA ALA A 186 -12.74 -29.23 -4.55
C ALA A 186 -11.26 -29.18 -4.92
N ALA A 187 -10.96 -29.45 -6.19
CA ALA A 187 -9.59 -29.44 -6.72
C ALA A 187 -9.04 -28.02 -6.81
N ASP A 188 -9.93 -27.08 -7.15
CA ASP A 188 -9.58 -25.65 -7.26
C ASP A 188 -9.25 -25.04 -5.90
N PHE A 189 -9.97 -25.46 -4.86
CA PHE A 189 -9.75 -24.99 -3.47
C PHE A 189 -8.36 -25.34 -2.96
N VAL A 190 -7.90 -26.56 -3.28
CA VAL A 190 -6.59 -27.07 -2.88
C VAL A 190 -5.47 -26.32 -3.64
N GLN A 191 -5.72 -26.02 -4.91
CA GLN A 191 -4.78 -25.30 -5.77
C GLN A 191 -4.62 -23.84 -5.35
N LEU A 192 -5.72 -23.21 -4.92
CA LEU A 192 -5.70 -21.82 -4.45
C LEU A 192 -4.96 -21.73 -3.12
N ALA A 193 -5.09 -22.77 -2.31
CA ALA A 193 -4.43 -22.88 -1.01
C ALA A 193 -2.93 -23.04 -1.19
N ALA A 194 -2.54 -23.73 -2.28
CA ALA A 194 -1.13 -23.97 -2.63
C ALA A 194 -0.44 -22.66 -3.01
N ILE A 195 -1.19 -21.76 -3.65
CA ILE A 195 -0.69 -20.44 -4.05
C ILE A 195 -0.49 -19.59 -2.79
N LEU A 196 -1.48 -19.61 -1.89
CA LEU A 196 -1.42 -18.82 -0.65
C LEU A 196 -0.34 -19.31 0.34
N ASN A 197 0.02 -20.60 0.25
CA ASN A 197 1.05 -21.18 1.11
C ASN A 197 2.46 -20.92 0.58
N ASP A 198 2.56 -20.63 -0.72
CA ASP A 198 3.84 -20.36 -1.38
C ASP A 198 3.61 -19.39 -2.53
N VAL A 199 3.44 -18.11 -2.19
CA VAL A 199 3.19 -17.06 -3.19
C VAL A 199 4.45 -16.80 -4.03
N ALA A 200 5.62 -16.98 -3.41
CA ALA A 200 6.91 -16.79 -4.07
C ALA A 200 7.10 -17.82 -5.18
N GLY A 201 6.71 -19.07 -4.88
CA GLY A 201 6.80 -20.17 -5.83
C GLY A 201 5.82 -20.02 -6.97
N ALA A 202 4.65 -19.45 -6.66
CA ALA A 202 3.59 -19.20 -7.66
C ALA A 202 4.03 -18.07 -8.60
N ALA A 203 4.77 -17.11 -8.04
CA ALA A 203 5.28 -15.96 -8.77
C ALA A 203 6.55 -16.27 -9.57
N SER A 204 7.13 -17.44 -9.32
CA SER A 204 8.37 -17.88 -9.97
C SER A 204 8.18 -18.54 -11.33
N VAL A 205 6.93 -18.84 -11.68
CA VAL A 205 6.61 -19.49 -12.96
C VAL A 205 6.88 -18.57 -14.15
N THR A 206 7.49 -19.12 -15.20
CA THR A 206 7.80 -18.38 -16.42
C THR A 206 7.22 -19.09 -17.65
N PRO A 207 6.43 -18.39 -18.50
CA PRO A 207 5.97 -16.99 -18.48
C PRO A 207 4.99 -16.72 -17.34
N LEU A 208 5.17 -15.58 -16.68
CA LEU A 208 4.33 -15.18 -15.56
C LEU A 208 2.86 -15.02 -15.94
N ALA A 209 2.64 -14.65 -17.21
CA ALA A 209 1.31 -14.46 -17.76
C ALA A 209 0.50 -15.75 -17.94
N GLU A 210 1.19 -16.89 -17.88
CA GLU A 210 0.53 -18.18 -18.01
C GLU A 210 0.08 -18.67 -16.63
N GLN A 211 -1.17 -18.31 -16.29
CA GLN A 211 -1.81 -18.66 -15.03
C GLN A 211 -3.07 -19.48 -15.37
N PRO A 212 -2.96 -20.82 -15.42
CA PRO A 212 -4.09 -21.72 -15.75
C PRO A 212 -5.28 -21.66 -14.80
N LEU A 213 -5.00 -21.57 -13.50
CA LEU A 213 -6.03 -21.52 -12.47
C LEU A 213 -6.62 -20.12 -12.30
N LEU A 214 -5.77 -19.15 -11.93
CA LEU A 214 -6.22 -17.77 -11.71
C LEU A 214 -6.78 -17.08 -12.94
N GLY A 215 -6.21 -17.37 -14.11
CA GLY A 215 -6.67 -16.80 -15.37
C GLY A 215 -8.02 -17.33 -15.82
N ARG A 216 -8.41 -18.48 -15.29
CA ARG A 216 -9.69 -19.11 -15.58
C ARG A 216 -10.77 -18.58 -14.64
N LEU A 217 -10.46 -18.57 -13.33
CA LEU A 217 -11.39 -18.11 -12.29
C LEU A 217 -11.64 -16.60 -12.31
N ILE A 218 -10.59 -15.85 -12.62
CA ILE A 218 -10.66 -14.39 -12.67
C ILE A 218 -9.74 -13.88 -13.81
N PRO A 219 -10.26 -13.84 -15.08
CA PRO A 219 -9.55 -13.39 -16.29
C PRO A 219 -8.83 -12.05 -16.17
N TRP A 220 -9.38 -11.17 -15.32
CA TRP A 220 -8.85 -9.84 -15.03
C TRP A 220 -7.36 -9.85 -14.64
N VAL A 221 -6.92 -10.92 -13.96
CA VAL A 221 -5.53 -11.09 -13.50
C VAL A 221 -4.55 -10.91 -14.65
N ILE A 222 -4.90 -11.49 -15.80
CA ILE A 222 -4.07 -11.41 -16.99
C ILE A 222 -4.53 -10.26 -17.89
N ASP A 223 -5.81 -10.27 -18.25
CA ASP A 223 -6.43 -9.27 -19.15
C ASP A 223 -6.17 -7.80 -18.79
N GLN A 224 -6.23 -7.48 -17.50
CA GLN A 224 -5.98 -6.12 -17.04
C GLN A 224 -4.61 -5.92 -16.40
N VAL A 225 -4.35 -6.64 -15.32
CA VAL A 225 -3.10 -6.44 -14.59
C VAL A 225 -1.80 -6.84 -15.27
N VAL A 226 -1.60 -8.13 -15.52
CA VAL A 226 -0.37 -8.60 -16.16
C VAL A 226 -0.14 -8.02 -17.56
N ASP A 227 -1.20 -7.93 -18.37
CA ASP A 227 -1.12 -7.41 -19.74
C ASP A 227 -0.91 -5.91 -19.89
N HIS A 228 -1.07 -5.13 -18.81
CA HIS A 228 -0.86 -3.69 -18.87
C HIS A 228 0.24 -3.18 -17.91
N PRO A 229 1.54 -3.39 -18.28
CA PRO A 229 2.64 -2.94 -17.42
C PRO A 229 2.87 -1.43 -17.35
N ASP A 230 2.40 -0.73 -18.38
CA ASP A 230 2.52 0.73 -18.45
C ASP A 230 1.27 1.32 -17.78
N ASN A 231 1.41 2.53 -17.24
CA ASN A 231 0.30 3.23 -16.59
C ASN A 231 -0.50 3.92 -17.71
N ASP A 232 -1.13 3.07 -18.53
CA ASP A 232 -1.92 3.49 -19.70
C ASP A 232 -3.37 3.88 -19.41
N GLU A 233 -4.18 4.00 -20.48
CA GLU A 233 -5.59 4.37 -20.38
C GLU A 233 -6.48 3.44 -19.55
N SER A 234 -6.13 2.15 -19.50
CA SER A 234 -6.90 1.16 -18.73
C SER A 234 -6.78 1.43 -17.22
N TRP A 235 -5.62 1.93 -16.82
CA TRP A 235 -5.36 2.28 -15.43
C TRP A 235 -5.90 3.65 -15.07
N GLN A 236 -5.78 4.60 -16.00
CA GLN A 236 -6.26 5.98 -15.80
C GLN A 236 -7.78 6.02 -15.67
N SER A 237 -8.45 5.04 -16.30
CA SER A 237 -9.90 4.90 -16.28
C SER A 237 -10.44 4.61 -14.87
N ILE A 238 -9.69 3.83 -14.10
CA ILE A 238 -10.08 3.49 -12.73
C ILE A 238 -9.36 4.32 -11.65
N SER A 239 -8.43 5.20 -12.07
CA SER A 239 -7.71 6.06 -11.13
C SER A 239 -8.58 7.23 -10.71
N LEU A 240 -8.58 7.51 -9.41
CA LEU A 240 -9.37 8.59 -8.83
C LEU A 240 -8.53 9.78 -8.42
N PHE A 241 -7.22 9.57 -8.28
CA PHE A 241 -6.29 10.59 -7.80
C PHE A 241 -6.36 12.00 -8.38
N GLU A 242 -6.41 12.13 -9.70
CA GLU A 242 -6.47 13.46 -10.33
C GLU A 242 -7.75 14.24 -10.07
N ARG A 243 -8.80 13.53 -9.67
CA ARG A 243 -10.10 14.12 -9.35
C ARG A 243 -10.22 14.51 -7.86
N LEU A 244 -9.26 14.06 -7.05
CA LEU A 244 -9.24 14.34 -5.61
C LEU A 244 -9.05 15.80 -5.22
N GLY A 245 -8.24 16.51 -5.99
CA GLY A 245 -7.97 17.92 -5.75
C GLY A 245 -9.16 18.83 -5.96
N GLY A 246 -10.14 18.35 -6.74
CA GLY A 246 -11.35 19.11 -7.01
C GLY A 246 -12.48 18.86 -6.04
N LEU A 247 -12.28 17.92 -5.12
CA LEU A 247 -13.30 17.57 -4.11
C LEU A 247 -13.22 18.44 -2.87
N ALA A 248 -14.31 18.46 -2.10
CA ALA A 248 -14.42 19.22 -0.86
C ALA A 248 -15.07 18.30 0.17
N THR A 249 -14.65 17.03 0.13
CA THR A 249 -15.17 15.99 1.01
C THR A 249 -14.18 15.64 2.14
N PRO A 250 -14.60 15.78 3.41
CA PRO A 250 -13.75 15.48 4.57
C PRO A 250 -13.37 13.99 4.57
N ALA A 251 -12.11 13.70 4.91
CA ALA A 251 -11.61 12.32 4.92
C ALA A 251 -10.73 11.97 6.12
N LEU A 252 -11.11 10.92 6.85
CA LEU A 252 -10.32 10.43 7.99
C LEU A 252 -9.54 9.27 7.40
N ILE A 253 -8.27 9.53 7.12
CA ILE A 253 -7.37 8.56 6.48
C ILE A 253 -6.45 7.84 7.47
N THR A 254 -6.48 6.51 7.42
CA THR A 254 -5.62 5.69 8.28
C THR A 254 -4.66 4.93 7.37
N ALA A 255 -3.42 4.79 7.84
CA ALA A 255 -2.36 4.09 7.12
C ALA A 255 -1.47 3.34 8.10
N GLY A 256 -0.55 2.55 7.55
CA GLY A 256 0.39 1.79 8.36
C GLY A 256 1.75 1.88 7.70
N TRP A 257 2.83 2.06 8.46
CA TRP A 257 4.19 2.18 7.88
C TRP A 257 4.68 1.00 7.04
N TYR A 258 4.13 -0.17 7.34
CA TYR A 258 4.50 -1.40 6.64
C TYR A 258 3.36 -1.95 5.79
N ASP A 259 2.37 -1.08 5.53
CA ASP A 259 1.22 -1.45 4.71
C ASP A 259 1.53 -1.18 3.24
N GLY A 260 1.13 -2.11 2.37
CA GLY A 260 1.36 -1.97 0.94
C GLY A 260 0.78 -0.73 0.28
N PHE A 261 -0.24 -0.16 0.90
CA PHE A 261 -0.92 1.03 0.40
C PHE A 261 -0.42 2.34 1.02
N VAL A 262 0.55 2.29 1.93
CA VAL A 262 1.05 3.49 2.63
C VAL A 262 1.40 4.72 1.82
N GLY A 263 2.15 4.54 0.72
CA GLY A 263 2.55 5.65 -0.14
C GLY A 263 1.33 6.36 -0.71
N GLU A 264 0.37 5.57 -1.16
CA GLU A 264 -0.86 6.12 -1.73
C GLU A 264 -1.85 6.66 -0.72
N SER A 265 -1.89 6.05 0.48
CA SER A 265 -2.77 6.50 1.57
C SER A 265 -2.37 7.91 1.99
N LEU A 266 -1.06 8.11 2.15
CA LEU A 266 -0.51 9.41 2.55
C LEU A 266 -0.69 10.46 1.47
N ARG A 267 -0.57 10.03 0.21
CA ARG A 267 -0.74 10.95 -0.92
C ARG A 267 -2.18 11.45 -1.02
N THR A 268 -3.15 10.63 -0.59
CA THR A 268 -4.55 11.05 -0.61
C THR A 268 -4.81 12.13 0.43
N PHE A 269 -4.06 12.07 1.55
CA PHE A 269 -4.19 13.08 2.61
C PHE A 269 -3.72 14.42 2.07
N VAL A 270 -2.56 14.42 1.42
CA VAL A 270 -1.96 15.62 0.83
C VAL A 270 -2.86 16.24 -0.25
N ALA A 271 -3.57 15.39 -0.98
CA ALA A 271 -4.46 15.81 -2.06
C ALA A 271 -5.78 16.46 -1.62
N VAL A 272 -6.28 16.08 -0.44
CA VAL A 272 -7.56 16.61 0.07
C VAL A 272 -7.51 17.58 1.26
N LYS A 273 -6.35 17.71 1.90
CA LYS A 273 -6.19 18.56 3.09
C LYS A 273 -6.49 20.07 2.97
N ASP A 274 -6.28 20.63 1.78
CA ASP A 274 -6.51 22.06 1.56
C ASP A 274 -7.96 22.47 1.37
N ASN A 275 -8.76 21.59 0.74
CA ASN A 275 -10.16 21.88 0.46
C ASN A 275 -11.20 21.39 1.46
N ALA A 276 -10.78 20.54 2.40
CA ALA A 276 -11.69 20.00 3.42
C ALA A 276 -10.96 19.52 4.66
N ASP A 277 -11.74 19.12 5.67
CA ASP A 277 -11.20 18.63 6.93
C ASP A 277 -10.69 17.20 6.79
N ALA A 278 -9.39 17.09 6.57
CA ALA A 278 -8.74 15.81 6.44
C ALA A 278 -8.00 15.47 7.73
N ARG A 279 -8.07 14.21 8.13
CA ARG A 279 -7.42 13.71 9.33
C ARG A 279 -6.53 12.54 8.93
N LEU A 280 -5.43 12.36 9.66
CA LEU A 280 -4.47 11.29 9.38
C LEU A 280 -4.02 10.55 10.65
N VAL A 281 -4.05 9.22 10.57
CA VAL A 281 -3.60 8.35 11.67
C VAL A 281 -2.70 7.30 11.02
N VAL A 282 -1.44 7.21 11.45
CA VAL A 282 -0.53 6.21 10.89
C VAL A 282 0.16 5.42 12.00
N GLY A 283 -0.05 4.11 11.99
CA GLY A 283 0.57 3.23 12.95
C GLY A 283 1.67 2.40 12.30
N PRO A 284 2.38 1.54 13.06
CA PRO A 284 3.48 0.70 12.57
C PRO A 284 3.05 -0.68 12.04
N TRP A 285 1.83 -0.73 11.52
CA TRP A 285 1.21 -1.97 11.05
C TRP A 285 1.45 -2.36 9.61
N SER A 286 1.31 -3.65 9.34
CA SER A 286 1.36 -4.20 7.99
C SER A 286 -0.11 -4.55 7.73
N HIS A 287 -0.46 -4.87 6.48
CA HIS A 287 -1.86 -5.17 6.11
C HIS A 287 -2.53 -6.28 6.89
N SER A 288 -1.78 -7.36 7.14
CA SER A 288 -2.28 -8.52 7.87
C SER A 288 -1.86 -8.60 9.34
N ASN A 289 -1.01 -7.66 9.78
CA ASN A 289 -0.55 -7.63 11.16
C ASN A 289 -0.74 -6.26 11.78
N LEU A 290 -1.78 -6.14 12.59
CA LEU A 290 -2.11 -4.90 13.28
C LEU A 290 -1.86 -5.00 14.78
N THR A 291 -1.11 -6.03 15.18
CA THR A 291 -0.81 -6.31 16.60
C THR A 291 0.32 -5.49 17.22
N GLY A 292 1.24 -4.99 16.40
CA GLY A 292 2.38 -4.25 16.91
C GLY A 292 3.53 -5.18 17.30
N ARG A 293 3.27 -6.49 17.18
CA ARG A 293 4.25 -7.54 17.50
C ARG A 293 4.74 -8.23 16.23
N ASN A 294 6.06 -8.29 16.07
CA ASN A 294 6.67 -8.95 14.92
C ASN A 294 7.78 -9.87 15.42
N ALA A 295 8.23 -10.78 14.55
CA ALA A 295 9.27 -11.77 14.87
C ALA A 295 10.52 -11.26 15.60
N ASP A 296 11.07 -10.14 15.13
CA ASP A 296 12.28 -9.56 15.73
C ASP A 296 12.13 -8.08 16.13
N ARG A 297 10.89 -7.61 16.23
CA ARG A 297 10.62 -6.22 16.61
C ARG A 297 9.25 -6.07 17.24
N LYS A 298 9.22 -5.58 18.48
CA LYS A 298 8.00 -5.35 19.24
C LYS A 298 7.87 -3.85 19.46
N PHE A 299 6.73 -3.29 19.09
CA PHE A 299 6.50 -1.86 19.23
C PHE A 299 5.79 -1.45 20.53
N GLY A 300 5.38 -2.44 21.32
CA GLY A 300 4.69 -2.17 22.58
C GLY A 300 3.19 -2.33 22.43
N ILE A 301 2.47 -2.56 23.53
CA ILE A 301 1.00 -2.73 23.47
C ILE A 301 0.23 -1.48 23.02
N ALA A 302 0.85 -0.31 23.18
CA ALA A 302 0.25 0.97 22.76
C ALA A 302 0.19 1.06 21.22
N ALA A 303 1.00 0.21 20.57
CA ALA A 303 1.08 0.14 19.11
C ALA A 303 0.00 -0.72 18.48
N THR A 304 -0.60 -1.61 19.29
CA THR A 304 -1.69 -2.50 18.82
C THR A 304 -2.80 -1.59 18.34
N TYR A 305 -3.34 -1.90 17.15
CA TYR A 305 -4.42 -1.11 16.54
C TYR A 305 -5.45 -0.70 17.59
N PRO A 306 -5.49 0.61 17.95
CA PRO A 306 -6.42 1.12 18.96
C PRO A 306 -7.84 1.24 18.45
N ILE A 307 -8.50 0.08 18.36
CA ILE A 307 -9.87 -0.03 17.85
C ILE A 307 -10.92 0.85 18.53
N GLN A 308 -10.89 0.94 19.86
CA GLN A 308 -11.86 1.76 20.58
C GLN A 308 -11.58 3.26 20.41
N GLU A 309 -10.29 3.63 20.37
CA GLU A 309 -9.90 5.04 20.16
C GLU A 309 -10.26 5.45 18.74
N ALA A 310 -10.13 4.51 17.80
CA ALA A 310 -10.47 4.73 16.40
C ALA A 310 -11.99 4.90 16.27
N THR A 311 -12.76 4.12 17.05
CA THR A 311 -14.22 4.19 17.04
C THR A 311 -14.68 5.56 17.56
N THR A 312 -14.04 6.03 18.63
CA THR A 312 -14.34 7.33 19.24
C THR A 312 -14.02 8.47 18.28
N MET A 313 -12.88 8.37 17.58
CA MET A 313 -12.46 9.39 16.62
C MET A 313 -13.38 9.43 15.39
N HIS A 314 -13.77 8.25 14.90
CA HIS A 314 -14.66 8.15 13.75
C HIS A 314 -16.04 8.73 14.10
N LYS A 315 -16.52 8.45 15.32
CA LYS A 315 -17.82 8.94 15.79
C LYS A 315 -17.80 10.47 15.87
N ALA A 316 -16.71 11.03 16.38
CA ALA A 316 -16.54 12.49 16.52
C ALA A 316 -16.46 13.16 15.15
N PHE A 317 -15.81 12.48 14.21
CA PHE A 317 -15.64 12.94 12.83
C PHE A 317 -16.99 12.96 12.11
N PHE A 318 -17.76 11.88 12.28
CA PHE A 318 -19.07 11.77 11.68
C PHE A 318 -20.07 12.70 12.36
N ASP A 319 -19.88 12.95 13.66
CA ASP A 319 -20.76 13.86 14.41
C ASP A 319 -20.61 15.30 13.91
N ARG A 320 -19.39 15.66 13.49
CA ARG A 320 -19.12 17.00 12.97
C ARG A 320 -19.65 17.21 11.55
N HIS A 321 -19.39 16.24 10.68
CA HIS A 321 -19.79 16.36 9.28
C HIS A 321 -21.16 15.85 8.85
N LEU A 322 -21.70 14.88 9.58
CA LEU A 322 -23.02 14.32 9.25
C LEU A 322 -24.13 14.83 10.17
N ARG A 323 -23.76 15.24 11.38
CA ARG A 323 -24.76 15.75 12.34
C ARG A 323 -24.70 17.26 12.55
N GLY A 324 -23.61 17.89 12.09
CA GLY A 324 -23.44 19.33 12.21
C GLY A 324 -22.96 19.84 13.56
N GLU A 325 -22.33 18.96 14.35
CA GLU A 325 -21.81 19.33 15.67
C GLU A 325 -20.43 19.97 15.47
N THR A 326 -20.44 21.29 15.36
CA THR A 326 -19.25 22.11 15.12
C THR A 326 -18.04 21.94 16.05
N ASP A 327 -18.29 21.56 17.30
CA ASP A 327 -17.22 21.37 18.29
C ASP A 327 -16.90 19.89 18.59
N ALA A 328 -17.39 18.98 17.76
CA ALA A 328 -17.17 17.53 17.94
C ALA A 328 -15.73 17.06 17.86
N LEU A 329 -14.91 17.75 17.05
CA LEU A 329 -13.50 17.41 16.89
C LEU A 329 -12.55 18.27 17.72
N ALA A 330 -13.06 18.83 18.82
CA ALA A 330 -12.26 19.65 19.73
C ALA A 330 -11.25 18.77 20.47
N GLY A 331 -9.98 19.18 20.42
CA GLY A 331 -8.91 18.44 21.08
C GLY A 331 -8.32 17.30 20.25
N VAL A 332 -8.99 16.96 19.15
CA VAL A 332 -8.54 15.88 18.25
C VAL A 332 -7.53 16.48 17.26
N PRO A 333 -6.32 15.89 17.19
CA PRO A 333 -5.29 16.40 16.27
C PRO A 333 -5.59 16.17 14.79
N LYS A 334 -4.92 16.94 13.95
CA LYS A 334 -5.06 16.85 12.50
C LYS A 334 -4.34 15.58 12.02
N VAL A 335 -3.17 15.33 12.59
CA VAL A 335 -2.33 14.18 12.27
C VAL A 335 -1.85 13.49 13.55
N ARG A 336 -1.91 12.15 13.54
CA ARG A 336 -1.48 11.33 14.69
C ARG A 336 -0.59 10.21 14.14
N LEU A 337 0.69 10.26 14.49
CA LEU A 337 1.68 9.29 14.03
C LEU A 337 2.33 8.46 15.11
N PHE A 338 2.61 7.19 14.79
CA PHE A 338 3.34 6.35 15.72
C PHE A 338 4.78 6.48 15.24
N VAL A 339 5.58 7.16 16.04
CA VAL A 339 6.99 7.37 15.75
C VAL A 339 7.76 6.18 16.28
N MET A 340 8.32 5.38 15.37
CA MET A 340 9.08 4.19 15.74
C MET A 340 10.45 4.58 16.31
N GLY A 341 11.08 3.65 17.04
CA GLY A 341 12.38 3.94 17.66
C GLY A 341 12.08 4.33 19.10
N ILE A 342 11.45 5.50 19.28
CA ILE A 342 11.05 5.94 20.63
C ILE A 342 9.75 5.19 20.98
N ASP A 343 9.15 4.61 19.94
CA ASP A 343 7.90 3.83 20.02
C ASP A 343 6.78 4.51 20.80
N GLU A 344 6.43 5.71 20.33
CA GLU A 344 5.40 6.54 20.94
C GLU A 344 4.50 7.20 19.92
N TRP A 345 3.24 7.40 20.31
CA TRP A 345 2.27 8.10 19.47
C TRP A 345 2.51 9.60 19.68
N ARG A 346 2.45 10.36 18.59
CA ARG A 346 2.68 11.80 18.65
C ARG A 346 1.72 12.56 17.74
N ASP A 347 1.20 13.65 18.27
CA ASP A 347 0.28 14.53 17.57
C ASP A 347 1.05 15.54 16.73
N GLU A 348 0.58 15.73 15.50
CA GLU A 348 1.19 16.67 14.55
C GLU A 348 0.12 17.57 13.95
N THR A 349 0.54 18.70 13.39
CA THR A 349 -0.40 19.65 12.78
C THR A 349 -0.56 19.47 11.27
N ASP A 350 0.36 18.72 10.64
CA ASP A 350 0.32 18.51 9.19
C ASP A 350 1.20 17.35 8.73
N TRP A 351 0.92 16.89 7.50
CA TRP A 351 1.69 15.85 6.82
C TRP A 351 1.90 16.36 5.37
N PRO A 352 3.17 16.56 4.92
CA PRO A 352 4.47 16.39 5.60
C PRO A 352 4.62 17.34 6.78
N LEU A 353 5.42 16.95 7.77
CA LEU A 353 5.64 17.76 8.97
C LEU A 353 6.20 19.14 8.56
N PRO A 354 5.66 20.24 9.16
CA PRO A 354 6.09 21.62 8.86
C PRO A 354 7.60 21.91 8.88
N ASP A 355 8.28 21.29 9.84
CA ASP A 355 9.72 21.49 10.03
C ASP A 355 10.65 20.46 9.37
N THR A 356 10.20 19.88 8.26
CA THR A 356 10.98 18.86 7.55
C THR A 356 12.19 19.35 6.74
N ALA A 357 13.37 18.85 7.12
CA ALA A 357 14.62 19.16 6.44
C ALA A 357 15.00 17.97 5.55
N TYR A 358 14.73 18.11 4.25
CA TYR A 358 15.04 17.07 3.26
C TYR A 358 16.54 17.06 3.03
N THR A 359 17.20 16.21 3.80
CA THR A 359 18.66 16.09 3.85
C THR A 359 19.31 14.94 3.08
N PRO A 360 20.25 15.27 2.17
CA PRO A 360 20.94 14.22 1.41
C PRO A 360 22.01 13.51 2.25
N PHE A 361 21.99 12.17 2.22
CA PHE A 361 22.98 11.34 2.89
C PHE A 361 23.66 10.60 1.76
N TYR A 362 24.89 11.02 1.46
CA TYR A 362 25.69 10.49 0.36
C TYR A 362 26.36 9.15 0.55
N LEU A 363 26.35 8.36 -0.52
CA LEU A 363 26.96 7.05 -0.59
C LEU A 363 28.47 7.22 -0.77
N GLY A 364 29.26 6.51 0.04
CA GLY A 364 30.70 6.61 -0.06
C GLY A 364 31.41 5.41 0.53
N GLY A 365 32.68 5.60 0.86
CA GLY A 365 33.48 4.55 1.47
C GLY A 365 34.65 4.04 0.65
N SER A 366 35.60 3.43 1.36
CA SER A 366 36.80 2.86 0.77
C SER A 366 36.53 1.42 0.35
N GLY A 367 36.96 1.08 -0.86
CA GLY A 367 36.76 -0.26 -1.40
C GLY A 367 35.35 -0.54 -1.89
N ALA A 368 35.03 -1.83 -2.01
CA ALA A 368 33.72 -2.28 -2.47
C ALA A 368 32.68 -2.29 -1.36
N ALA A 369 31.46 -1.84 -1.70
CA ALA A 369 30.36 -1.78 -0.75
C ALA A 369 29.48 -3.03 -0.73
N ASN A 370 29.90 -4.07 -1.46
CA ASN A 370 29.19 -5.35 -1.53
C ASN A 370 29.20 -6.00 -0.15
N THR A 371 28.03 -6.51 0.27
CA THR A 371 27.77 -7.15 1.57
C THR A 371 27.82 -6.18 2.75
N SER A 372 27.33 -6.62 3.91
CA SER A 372 27.31 -5.80 5.14
C SER A 372 28.69 -5.58 5.75
N THR A 373 29.65 -6.41 5.34
CA THR A 373 31.03 -6.34 5.82
C THR A 373 31.93 -5.54 4.87
N GLY A 374 31.31 -4.88 3.89
CA GLY A 374 32.03 -4.06 2.93
C GLY A 374 32.39 -2.69 3.51
N GLY A 375 32.88 -1.80 2.67
CA GLY A 375 33.29 -0.48 3.13
C GLY A 375 32.33 0.66 2.90
N GLY A 376 31.08 0.33 2.52
CA GLY A 376 30.08 1.35 2.26
C GLY A 376 29.67 2.24 3.42
N THR A 377 29.68 3.55 3.19
CA THR A 377 29.31 4.55 4.20
C THR A 377 28.23 5.53 3.75
N LEU A 378 27.59 6.18 4.72
CA LEU A 378 26.59 7.22 4.51
C LEU A 378 27.04 8.43 5.30
N SER A 379 26.99 9.60 4.67
CA SER A 379 27.42 10.86 5.29
C SER A 379 26.67 12.05 4.70
N THR A 380 26.52 13.11 5.50
CA THR A 380 25.86 14.33 5.04
C THR A 380 26.80 15.15 4.14
N SER A 381 28.06 14.73 4.10
CA SER A 381 29.09 15.35 3.27
C SER A 381 29.30 14.56 1.99
N ILE A 382 29.57 15.26 0.90
CA ILE A 382 29.82 14.67 -0.42
C ILE A 382 31.12 13.86 -0.38
N SER A 383 31.10 12.69 -1.01
CA SER A 383 32.29 11.82 -1.08
C SER A 383 33.37 12.48 -1.92
N GLY A 384 34.61 12.42 -1.43
CA GLY A 384 35.74 13.05 -2.11
C GLY A 384 36.37 12.29 -3.27
N THR A 385 36.22 10.97 -3.30
CA THR A 385 36.79 10.14 -4.35
C THR A 385 35.74 9.49 -5.25
N GLU A 386 35.99 9.52 -6.57
CA GLU A 386 35.10 8.91 -7.55
C GLU A 386 35.30 7.40 -7.55
N SER A 387 34.27 6.69 -7.08
CA SER A 387 34.30 5.23 -6.98
C SER A 387 33.04 4.63 -7.59
N ALA A 388 33.03 3.30 -7.69
CA ALA A 388 31.91 2.57 -8.26
C ALA A 388 31.81 1.18 -7.66
N ASP A 389 30.58 0.77 -7.34
CA ASP A 389 30.32 -0.56 -6.79
C ASP A 389 29.59 -1.36 -7.85
N THR A 390 30.12 -2.55 -8.13
CA THR A 390 29.57 -3.41 -9.17
C THR A 390 29.14 -4.79 -8.65
N TYR A 391 28.08 -5.31 -9.26
CA TYR A 391 27.53 -6.62 -8.92
C TYR A 391 26.80 -7.24 -10.11
N LEU A 392 26.54 -8.54 -10.00
CA LEU A 392 25.84 -9.29 -11.02
C LEU A 392 24.42 -9.61 -10.54
N TYR A 393 23.43 -9.19 -11.32
CA TYR A 393 22.04 -9.48 -11.01
C TYR A 393 21.59 -10.58 -11.99
N ASP A 394 21.22 -11.71 -11.41
CA ASP A 394 20.75 -12.88 -12.14
C ASP A 394 19.28 -13.08 -11.75
N PRO A 395 18.34 -13.00 -12.73
CA PRO A 395 16.90 -13.19 -12.48
C PRO A 395 16.57 -14.55 -11.87
N ALA A 396 17.44 -15.54 -12.09
CA ALA A 396 17.26 -16.89 -11.54
C ALA A 396 17.53 -16.93 -10.02
N ASP A 397 18.25 -15.92 -9.53
CA ASP A 397 18.59 -15.79 -8.11
C ASP A 397 18.37 -14.34 -7.64
N PRO A 398 17.09 -13.93 -7.45
CA PRO A 398 16.82 -12.57 -7.00
C PRO A 398 16.99 -12.42 -5.48
N VAL A 399 17.06 -11.18 -5.01
CA VAL A 399 17.17 -10.90 -3.58
C VAL A 399 15.78 -11.16 -3.01
N PRO A 400 15.66 -12.07 -2.01
CA PRO A 400 14.35 -12.38 -1.41
C PRO A 400 13.77 -11.21 -0.64
N SER A 401 12.45 -11.06 -0.72
CA SER A 401 11.73 -10.02 0.01
C SER A 401 11.66 -10.43 1.47
N LEU A 402 12.06 -9.51 2.36
CA LEU A 402 12.05 -9.75 3.79
C LEU A 402 11.43 -8.52 4.44
N GLY A 403 10.17 -8.65 4.84
CA GLY A 403 9.45 -7.57 5.47
C GLY A 403 9.05 -6.45 4.51
N GLY A 404 9.11 -5.22 5.00
CA GLY A 404 8.72 -4.09 4.19
C GLY A 404 7.21 -4.01 4.08
N THR A 405 6.75 -3.74 2.86
CA THR A 405 5.32 -3.58 2.59
C THR A 405 4.64 -4.76 1.90
N LEU A 406 5.16 -5.97 2.14
CA LEU A 406 4.59 -7.21 1.61
C LEU A 406 3.14 -7.37 2.08
N LEU A 407 2.27 -7.78 1.17
CA LEU A 407 0.85 -7.97 1.47
C LEU A 407 0.42 -9.39 1.81
N PHE A 408 0.71 -10.33 0.92
CA PHE A 408 0.33 -11.73 1.10
C PHE A 408 1.45 -12.71 1.39
N HIS A 409 2.59 -12.52 0.73
CA HIS A 409 3.76 -13.36 0.94
C HIS A 409 4.47 -12.85 2.18
N ASN A 410 4.42 -13.62 3.28
CA ASN A 410 5.04 -13.26 4.57
C ASN A 410 4.85 -11.78 4.90
N GLY A 411 3.59 -11.35 4.82
CA GLY A 411 3.22 -9.97 5.04
C GLY A 411 2.93 -9.56 6.46
N ASP A 412 3.34 -10.40 7.41
CA ASP A 412 3.10 -10.16 8.82
C ASP A 412 4.37 -9.85 9.63
N ASN A 413 5.42 -9.42 8.93
CA ASN A 413 6.69 -9.14 9.58
C ASN A 413 7.38 -7.95 8.90
N GLY A 414 6.66 -6.83 8.81
CA GLY A 414 7.19 -5.63 8.17
C GLY A 414 8.59 -5.23 8.61
N PRO A 415 8.82 -5.02 9.93
CA PRO A 415 10.15 -4.64 10.42
C PRO A 415 11.07 -5.87 10.57
N ALA A 416 11.30 -6.55 9.45
CA ALA A 416 12.11 -7.76 9.43
C ALA A 416 13.60 -7.52 9.50
N ASP A 417 14.27 -8.45 10.19
CA ASP A 417 15.72 -8.44 10.36
C ASP A 417 16.29 -8.81 8.98
N GLN A 418 17.17 -7.95 8.48
CA GLN A 418 17.79 -8.10 7.16
C GLN A 418 19.05 -8.95 7.10
N ARG A 419 19.50 -9.44 8.26
CA ARG A 419 20.70 -10.27 8.34
C ARG A 419 20.75 -11.53 7.42
N PRO A 420 19.60 -12.20 7.14
CA PRO A 420 19.67 -13.37 6.25
C PRO A 420 20.11 -13.09 4.80
N ILE A 421 19.98 -11.85 4.35
CA ILE A 421 20.37 -11.47 2.98
C ILE A 421 21.63 -10.60 2.90
N HIS A 422 22.26 -10.34 4.06
CA HIS A 422 23.47 -9.53 4.19
C HIS A 422 24.75 -10.08 3.55
N ASP A 423 24.81 -11.40 3.39
CA ASP A 423 25.95 -12.09 2.80
C ASP A 423 26.01 -12.05 1.27
N ARG A 424 24.91 -11.59 0.65
CA ARG A 424 24.80 -11.51 -0.80
C ARG A 424 25.66 -10.43 -1.45
N ASP A 425 26.38 -10.82 -2.51
CA ASP A 425 27.24 -9.90 -3.25
C ASP A 425 26.45 -8.84 -4.01
N ASP A 426 25.18 -9.15 -4.31
CA ASP A 426 24.31 -8.22 -5.02
C ASP A 426 23.56 -7.24 -4.11
N VAL A 427 23.86 -7.28 -2.82
CA VAL A 427 23.24 -6.36 -1.85
C VAL A 427 24.35 -5.43 -1.36
N LEU A 428 24.34 -4.20 -1.87
CA LEU A 428 25.31 -3.19 -1.50
C LEU A 428 24.83 -2.49 -0.22
N CYS A 429 25.70 -2.41 0.77
CA CYS A 429 25.35 -1.79 2.04
C CYS A 429 26.14 -0.54 2.34
N TYR A 430 25.42 0.50 2.76
CA TYR A 430 26.01 1.79 3.10
C TYR A 430 25.48 2.19 4.46
N SER A 431 26.39 2.41 5.42
CA SER A 431 26.00 2.78 6.77
C SER A 431 26.71 3.99 7.35
N THR A 432 26.01 4.70 8.24
CA THR A 432 26.60 5.84 8.95
C THR A 432 27.42 5.22 10.07
N GLU A 433 28.21 6.04 10.76
CA GLU A 433 28.95 5.55 11.92
C GLU A 433 27.90 5.44 13.04
N VAL A 434 28.27 4.79 14.15
CA VAL A 434 27.36 4.64 15.28
C VAL A 434 26.97 6.03 15.82
N LEU A 435 25.66 6.28 15.87
CA LEU A 435 25.12 7.56 16.33
C LEU A 435 25.27 7.84 17.82
N THR A 436 25.63 9.08 18.14
CA THR A 436 25.82 9.53 19.52
C THR A 436 24.62 10.36 19.98
N ASP A 437 23.86 10.86 18.99
CA ASP A 437 22.67 11.68 19.23
C ASP A 437 21.52 11.12 18.38
N PRO A 438 20.25 11.23 18.85
CA PRO A 438 19.13 10.70 18.05
C PRO A 438 18.85 11.48 16.77
N VAL A 439 18.50 10.74 15.71
CA VAL A 439 18.19 11.32 14.41
C VAL A 439 16.79 10.87 14.03
N GLU A 440 15.85 11.81 13.94
CA GLU A 440 14.47 11.47 13.57
C GLU A 440 14.24 11.66 12.08
N VAL A 441 13.70 10.61 11.46
CA VAL A 441 13.38 10.58 10.04
C VAL A 441 11.86 10.32 9.94
N THR A 442 11.11 11.39 9.69
CA THR A 442 9.65 11.32 9.56
C THR A 442 9.17 12.08 8.34
N GLY A 443 8.71 11.34 7.33
CA GLY A 443 8.22 11.95 6.11
C GLY A 443 8.42 11.03 4.93
N THR A 444 8.28 11.58 3.73
CA THR A 444 8.48 10.83 2.50
C THR A 444 9.98 10.64 2.28
N VAL A 445 10.36 9.45 1.83
CA VAL A 445 11.76 9.08 1.61
C VAL A 445 11.98 8.75 0.14
N SER A 446 13.12 9.19 -0.40
CA SER A 446 13.48 8.91 -1.79
C SER A 446 14.99 8.84 -1.94
N ALA A 447 15.44 8.27 -3.05
CA ALA A 447 16.86 8.16 -3.35
C ALA A 447 17.15 8.64 -4.76
N ARG A 448 18.34 9.19 -4.96
CA ARG A 448 18.79 9.67 -6.28
C ARG A 448 20.12 8.95 -6.50
N LEU A 449 20.11 7.97 -7.39
CA LEU A 449 21.31 7.18 -7.67
C LEU A 449 21.81 7.34 -9.10
N PHE A 450 23.13 7.35 -9.24
CA PHE A 450 23.81 7.43 -10.53
C PHE A 450 24.16 5.98 -10.84
N VAL A 451 23.49 5.45 -11.86
CA VAL A 451 23.61 4.06 -12.25
C VAL A 451 23.99 3.76 -13.69
N SER A 452 24.47 2.54 -13.93
CA SER A 452 24.79 2.04 -15.26
C SER A 452 24.57 0.53 -15.27
N SER A 453 24.26 0.01 -16.46
CA SER A 453 23.98 -1.41 -16.63
C SER A 453 24.57 -1.93 -17.94
N SER A 454 24.76 -3.25 -18.01
CA SER A 454 25.26 -3.90 -19.21
C SER A 454 24.06 -4.25 -20.11
N ALA A 455 22.87 -4.14 -19.53
CA ALA A 455 21.60 -4.44 -20.20
C ALA A 455 20.86 -3.18 -20.63
N VAL A 456 19.86 -3.36 -21.50
CA VAL A 456 19.04 -2.25 -22.02
C VAL A 456 17.85 -1.90 -21.10
N ASP A 457 17.74 -2.65 -20.00
CA ASP A 457 16.72 -2.46 -18.97
C ASP A 457 17.11 -3.34 -17.79
N THR A 458 16.82 -2.85 -16.59
CA THR A 458 17.07 -3.55 -15.33
C THR A 458 16.33 -2.79 -14.24
N ASP A 459 16.42 -3.26 -13.00
CA ASP A 459 15.78 -2.59 -11.85
C ASP A 459 16.87 -2.14 -10.89
N PHE A 460 16.53 -1.16 -10.05
CA PHE A 460 17.39 -0.69 -8.98
C PHE A 460 16.51 -0.48 -7.78
N THR A 461 16.92 -1.08 -6.66
CA THR A 461 16.17 -1.00 -5.41
C THR A 461 16.96 -0.27 -4.33
N ALA A 462 16.25 0.33 -3.39
CA ALA A 462 16.86 1.03 -2.26
C ALA A 462 16.02 0.74 -1.03
N LYS A 463 16.67 0.37 0.07
CA LYS A 463 15.98 0.02 1.32
C LYS A 463 16.61 0.72 2.52
N LEU A 464 15.80 1.44 3.30
CA LEU A 464 16.26 2.12 4.52
C LEU A 464 16.16 1.14 5.69
N VAL A 465 17.25 1.05 6.45
CA VAL A 465 17.37 0.11 7.56
C VAL A 465 17.91 0.74 8.85
N ASP A 466 17.40 0.27 9.99
CA ASP A 466 17.84 0.71 11.33
C ASP A 466 18.65 -0.44 11.92
N VAL A 467 19.96 -0.22 12.05
CA VAL A 467 20.85 -1.25 12.62
C VAL A 467 20.92 -1.04 14.14
N PHE A 468 20.46 -2.06 14.86
CA PHE A 468 20.42 -2.08 16.32
C PHE A 468 21.77 -2.49 16.90
N PRO A 469 22.08 -2.09 18.16
CA PRO A 469 23.34 -2.46 18.79
C PRO A 469 23.57 -3.97 18.91
N ASP A 470 22.48 -4.72 19.08
CA ASP A 470 22.52 -6.17 19.22
C ASP A 470 22.74 -6.94 17.91
N GLY A 471 22.71 -6.20 16.79
CA GLY A 471 22.94 -6.81 15.49
C GLY A 471 21.77 -6.73 14.52
N ARG A 472 20.54 -6.68 15.05
CA ARG A 472 19.32 -6.61 14.23
C ARG A 472 19.34 -5.46 13.24
N ALA A 473 19.11 -5.79 11.97
CA ALA A 473 19.08 -4.79 10.91
C ALA A 473 17.62 -4.76 10.47
N ILE A 474 16.87 -3.89 11.12
CA ILE A 474 15.43 -3.75 10.90
C ILE A 474 15.03 -2.88 9.70
N ALA A 475 14.28 -3.46 8.76
CA ALA A 475 13.80 -2.76 7.56
C ALA A 475 12.77 -1.70 7.92
N LEU A 476 12.85 -0.54 7.24
CA LEU A 476 11.91 0.56 7.49
C LEU A 476 11.02 0.85 6.28
N CYS A 477 11.63 1.31 5.20
CA CYS A 477 10.90 1.59 3.95
C CYS A 477 11.79 1.28 2.77
N ASP A 478 11.16 0.97 1.63
CA ASP A 478 11.89 0.63 0.42
C ASP A 478 11.17 1.03 -0.85
N GLY A 479 11.91 0.98 -1.96
CA GLY A 479 11.36 1.31 -3.25
C GLY A 479 12.14 0.66 -4.37
N ILE A 480 11.63 0.83 -5.59
CA ILE A 480 12.24 0.26 -6.78
C ILE A 480 12.03 1.20 -7.96
N VAL A 481 12.94 1.14 -8.93
CA VAL A 481 12.79 1.88 -10.18
C VAL A 481 13.14 0.92 -11.30
N ARG A 482 12.16 0.66 -12.17
CA ARG A 482 12.35 -0.19 -13.33
C ARG A 482 12.85 0.84 -14.35
N MET A 483 14.08 0.66 -14.82
CA MET A 483 14.75 1.60 -15.72
C MET A 483 14.01 2.14 -16.92
N ARG A 484 13.16 1.34 -17.55
CA ARG A 484 12.40 1.79 -18.70
C ARG A 484 11.37 2.87 -18.31
N TYR A 485 11.01 2.88 -17.02
CA TYR A 485 10.05 3.83 -16.45
C TYR A 485 10.72 4.91 -15.58
N ARG A 486 12.02 5.13 -15.76
CA ARG A 486 12.78 6.12 -14.98
C ARG A 486 12.27 7.57 -15.05
N GLU A 487 11.77 7.96 -16.22
CA GLU A 487 11.26 9.31 -16.44
C GLU A 487 9.74 9.37 -16.42
N THR A 488 9.10 8.29 -16.85
CA THR A 488 7.64 8.21 -16.92
C THR A 488 7.11 6.77 -16.86
N LEU A 489 5.98 6.61 -16.18
CA LEU A 489 5.32 5.31 -16.03
C LEU A 489 4.40 5.03 -17.22
N VAL A 490 4.13 6.08 -18.00
CA VAL A 490 3.23 6.00 -19.15
C VAL A 490 3.89 5.66 -20.49
N ASN A 491 4.99 6.35 -20.82
CA ASN A 491 5.70 6.14 -22.08
C ASN A 491 7.16 5.68 -21.89
N PRO A 492 7.39 4.37 -21.67
CA PRO A 492 8.74 3.84 -21.48
C PRO A 492 9.74 3.88 -22.64
N THR A 493 11.01 4.04 -22.29
CA THR A 493 12.13 4.07 -23.25
C THR A 493 13.26 3.25 -22.63
N LEU A 494 14.03 2.57 -23.47
CA LEU A 494 15.15 1.75 -22.99
C LEU A 494 16.42 2.55 -22.73
N ILE A 495 17.35 1.94 -22.02
CA ILE A 495 18.62 2.59 -21.70
C ILE A 495 19.77 2.03 -22.55
N GLU A 496 20.86 2.79 -22.62
CA GLU A 496 22.04 2.39 -23.38
C GLU A 496 23.04 1.77 -22.41
N ALA A 497 23.63 0.65 -22.83
CA ALA A 497 24.61 -0.09 -22.03
C ALA A 497 25.89 0.72 -21.73
N GLY A 498 26.24 0.77 -20.44
CA GLY A 498 27.43 1.47 -19.99
C GLY A 498 27.25 2.95 -19.69
N GLU A 499 26.15 3.54 -20.15
CA GLU A 499 25.86 4.96 -19.94
C GLU A 499 25.34 5.20 -18.52
N ILE A 500 25.78 6.30 -17.91
CA ILE A 500 25.38 6.67 -16.55
C ILE A 500 24.11 7.51 -16.53
N TYR A 501 23.13 7.06 -15.76
CA TYR A 501 21.83 7.75 -15.61
C TYR A 501 21.58 8.10 -14.17
N GLU A 502 20.97 9.27 -13.94
CA GLU A 502 20.61 9.69 -12.58
C GLU A 502 19.13 9.34 -12.47
N VAL A 503 18.82 8.39 -11.59
CA VAL A 503 17.45 7.94 -11.39
C VAL A 503 16.93 8.18 -9.99
N ALA A 504 15.61 8.37 -9.90
CA ALA A 504 14.94 8.59 -8.63
C ALA A 504 14.23 7.30 -8.21
N ILE A 505 14.34 6.97 -6.92
CA ILE A 505 13.68 5.80 -6.35
C ILE A 505 12.75 6.30 -5.24
N ASP A 506 11.45 6.05 -5.42
CA ASP A 506 10.43 6.44 -4.44
C ASP A 506 10.37 5.34 -3.40
N MET A 507 10.79 5.70 -2.18
CA MET A 507 10.85 4.77 -1.07
C MET A 507 9.70 4.94 -0.06
N LEU A 508 8.57 5.43 -0.56
CA LEU A 508 7.34 5.68 0.20
C LEU A 508 7.57 6.61 1.40
N ALA A 509 7.33 6.13 2.63
CA ALA A 509 7.49 6.95 3.82
C ALA A 509 7.73 6.16 5.09
N THR A 510 8.20 6.84 6.12
CA THR A 510 8.46 6.23 7.43
C THR A 510 8.50 7.28 8.55
N SER A 511 8.51 6.80 9.78
CA SER A 511 8.65 7.64 10.97
C SER A 511 9.48 6.82 11.93
N ASN A 512 10.75 7.17 12.05
CA ASN A 512 11.66 6.46 12.91
C ASN A 512 12.72 7.34 13.52
N VAL A 513 12.94 7.15 14.82
CA VAL A 513 14.00 7.84 15.53
C VAL A 513 15.11 6.82 15.64
N PHE A 514 16.23 7.11 15.00
CA PHE A 514 17.42 6.25 15.06
C PHE A 514 18.10 6.72 16.34
N LEU A 515 17.96 5.91 17.37
CA LEU A 515 18.47 6.20 18.72
C LEU A 515 19.99 6.08 18.85
N PRO A 516 20.60 6.68 19.91
CA PRO A 516 22.06 6.57 20.07
C PRO A 516 22.44 5.07 20.17
N GLY A 517 23.52 4.70 19.50
CA GLY A 517 23.94 3.31 19.51
C GLY A 517 23.52 2.63 18.21
N HIS A 518 22.60 3.25 17.47
CA HIS A 518 22.12 2.70 16.21
C HIS A 518 22.85 3.30 15.01
N ARG A 519 22.63 2.72 13.83
CA ARG A 519 23.21 3.21 12.59
C ARG A 519 22.10 3.33 11.56
N ILE A 520 22.25 4.29 10.64
CA ILE A 520 21.31 4.47 9.53
C ILE A 520 21.98 3.70 8.40
N MET A 521 21.25 2.75 7.82
CA MET A 521 21.80 1.93 6.74
C MET A 521 20.89 1.92 5.51
N VAL A 522 21.50 1.86 4.33
CA VAL A 522 20.79 1.78 3.06
C VAL A 522 21.32 0.56 2.29
N GLN A 523 20.40 -0.25 1.78
CA GLN A 523 20.71 -1.43 0.97
C GLN A 523 20.34 -1.09 -0.47
N VAL A 524 21.26 -1.32 -1.40
CA VAL A 524 21.00 -1.07 -2.82
C VAL A 524 21.20 -2.39 -3.58
N SER A 525 20.23 -2.72 -4.44
CA SER A 525 20.30 -3.93 -5.25
C SER A 525 19.50 -3.74 -6.54
N SER A 526 19.18 -4.85 -7.22
CA SER A 526 18.42 -4.81 -8.46
C SER A 526 17.20 -5.73 -8.48
N SER A 527 16.80 -6.20 -7.30
CA SER A 527 15.63 -7.07 -7.15
C SER A 527 15.15 -7.11 -5.70
N ASN A 528 13.87 -7.47 -5.56
CA ASN A 528 13.19 -7.58 -4.26
C ASN A 528 11.96 -8.42 -4.62
N PHE A 529 12.20 -9.74 -4.72
CA PHE A 529 11.19 -10.73 -5.11
C PHE A 529 10.64 -11.56 -3.94
N PRO A 530 9.30 -11.80 -3.89
CA PRO A 530 8.20 -11.41 -4.78
C PRO A 530 7.45 -10.11 -4.55
N LYS A 531 8.02 -9.19 -3.76
CA LYS A 531 7.37 -7.88 -3.52
C LYS A 531 7.17 -7.21 -4.89
N TYR A 532 8.17 -7.40 -5.75
CA TYR A 532 8.16 -6.90 -7.12
C TYR A 532 8.63 -8.03 -8.01
N ASP A 533 8.10 -8.11 -9.23
CA ASP A 533 8.52 -9.15 -10.15
C ASP A 533 9.96 -8.90 -10.61
N ARG A 534 10.61 -9.96 -11.09
CA ARG A 534 11.99 -9.88 -11.55
C ARG A 534 12.14 -9.26 -12.93
N ASN A 535 13.08 -8.33 -13.06
CA ASN A 535 13.32 -7.74 -14.37
C ASN A 535 14.16 -8.77 -15.13
N SER A 536 13.76 -8.99 -16.38
CA SER A 536 14.39 -9.95 -17.27
C SER A 536 15.73 -9.50 -17.83
N ASN A 537 16.01 -8.20 -17.72
CA ASN A 537 17.24 -7.54 -18.22
C ASN A 537 17.37 -7.62 -19.74
N THR A 538 16.21 -7.66 -20.39
CA THR A 538 16.13 -7.80 -21.85
C THR A 538 15.52 -6.63 -22.59
N GLY A 539 14.61 -5.92 -21.92
CA GLY A 539 13.92 -4.83 -22.54
C GLY A 539 12.63 -5.32 -23.19
N GLY A 540 12.31 -6.60 -22.97
CA GLY A 540 11.11 -7.20 -23.53
C GLY A 540 9.88 -7.08 -22.66
N VAL A 541 8.83 -7.81 -23.02
CA VAL A 541 7.60 -7.83 -22.24
C VAL A 541 7.90 -8.88 -21.17
N ILE A 542 8.36 -8.38 -20.02
CA ILE A 542 8.78 -9.19 -18.87
C ILE A 542 7.90 -10.38 -18.46
N ALA A 543 6.59 -10.14 -18.38
CA ALA A 543 5.63 -11.16 -17.98
C ALA A 543 5.36 -12.25 -19.03
N ARG A 544 5.87 -12.06 -20.25
CA ARG A 544 5.69 -13.02 -21.34
C ARG A 544 6.97 -13.78 -21.66
N GLU A 545 8.04 -13.49 -20.93
CA GLU A 545 9.34 -14.13 -21.16
C GLU A 545 9.62 -15.39 -20.36
N GLN A 546 10.35 -16.30 -20.99
CA GLN A 546 10.77 -17.57 -20.39
C GLN A 546 12.06 -17.30 -19.61
N LEU A 547 12.30 -18.05 -18.54
CA LEU A 547 13.50 -17.88 -17.71
C LEU A 547 14.79 -18.06 -18.51
N GLU A 548 14.76 -18.97 -19.49
CA GLU A 548 15.91 -19.27 -20.35
C GLU A 548 16.29 -18.15 -21.32
N GLU A 549 15.33 -17.31 -21.68
CA GLU A 549 15.59 -16.19 -22.60
C GLU A 549 15.93 -14.89 -21.85
N MET A 550 15.92 -14.97 -20.52
CA MET A 550 16.26 -13.83 -19.66
C MET A 550 17.79 -13.74 -19.56
N CYS A 551 18.28 -12.52 -19.31
CA CYS A 551 19.72 -12.27 -19.21
C CYS A 551 20.14 -11.81 -17.84
N THR A 552 21.43 -11.99 -17.56
CA THR A 552 22.03 -11.52 -16.31
C THR A 552 22.52 -10.11 -16.64
N ALA A 553 22.61 -9.26 -15.64
CA ALA A 553 23.08 -7.89 -15.85
C ALA A 553 24.16 -7.52 -14.86
N VAL A 554 25.20 -6.87 -15.38
CA VAL A 554 26.30 -6.38 -14.57
C VAL A 554 25.92 -4.93 -14.31
N ASN A 555 25.41 -4.70 -13.10
CA ASN A 555 24.95 -3.38 -12.68
C ASN A 555 25.95 -2.65 -11.81
N ARG A 556 25.99 -1.32 -11.96
CA ARG A 556 26.95 -0.49 -11.25
C ARG A 556 26.36 0.79 -10.68
N ILE A 557 26.76 1.09 -9.44
CA ILE A 557 26.35 2.30 -8.72
C ILE A 557 27.58 3.20 -8.65
N HIS A 558 27.43 4.42 -9.15
CA HIS A 558 28.51 5.41 -9.16
C HIS A 558 28.37 6.38 -7.99
N ARG A 559 29.49 6.66 -7.33
CA ARG A 559 29.52 7.56 -6.17
C ARG A 559 30.78 8.43 -6.09
N GLY A 560 30.58 9.70 -5.80
CA GLY A 560 31.69 10.65 -5.69
C GLY A 560 31.28 12.09 -5.95
N PRO A 561 32.24 13.01 -6.25
CA PRO A 561 31.96 14.44 -6.52
C PRO A 561 31.09 14.73 -7.73
N GLU A 562 31.42 14.10 -8.86
CA GLU A 562 30.68 14.28 -10.12
C GLU A 562 29.45 13.41 -10.24
N HIS A 563 29.35 12.40 -9.37
CA HIS A 563 28.20 11.48 -9.34
C HIS A 563 27.74 11.34 -7.88
N PRO A 564 27.14 12.42 -7.29
CA PRO A 564 26.70 12.35 -5.89
C PRO A 564 25.43 11.55 -5.55
N SER A 565 25.54 10.23 -5.62
CA SER A 565 24.44 9.31 -5.28
C SER A 565 24.10 9.48 -3.81
N HIS A 566 22.80 9.60 -3.52
CA HIS A 566 22.34 9.81 -2.15
C HIS A 566 20.92 9.38 -1.85
N ILE A 567 20.61 9.31 -0.56
CA ILE A 567 19.25 9.03 -0.10
C ILE A 567 18.83 10.35 0.56
N VAL A 568 17.61 10.79 0.27
CA VAL A 568 17.08 12.03 0.84
C VAL A 568 16.24 11.63 2.05
N LEU A 569 16.73 12.01 3.23
CA LEU A 569 16.04 11.71 4.48
C LEU A 569 15.32 12.91 5.07
N PRO A 570 14.01 12.75 5.40
CA PRO A 570 13.21 13.82 5.99
C PRO A 570 13.52 13.99 7.48
N ILE A 571 14.53 14.81 7.76
CA ILE A 571 15.01 15.06 9.13
C ILE A 571 14.17 16.03 9.94
N ILE A 572 13.79 15.58 11.12
CA ILE A 572 13.00 16.36 12.08
C ILE A 572 13.92 16.54 13.30
N LYS A 573 14.11 17.80 13.69
CA LYS A 573 14.95 18.12 14.84
C LYS A 573 14.10 18.87 15.86
N ARG A 574 13.90 18.26 17.03
CA ARG A 574 13.12 18.86 18.12
C ARG A 574 13.81 18.72 19.47
#